data_5HPC
#
_entry.id   5HPC
#
_cell.length_a   123.725
_cell.length_b   123.725
_cell.length_c   59.105
_cell.angle_alpha   90.000
_cell.angle_beta   90.000
_cell.angle_gamma   90.000
#
_symmetry.space_group_name_H-M   'P 41 21 2'
#
loop_
_entity.id
_entity.type
_entity.pdbx_description
1 polymer Cellulase
2 water water
#
_entity_poly.entity_id   1
_entity_poly.type   'polypeptide(L)'
_entity_poly.pdbx_seq_one_letter_code
;MGSSHHHHHHSSGLVPRGSHMLKYVGVNLSGAEFNSRKKPGTLFKDYTYPAASDFSYFAGKGMNTIRLPFLWERVQPELN
GPLDQAQLGLIKKSLEAAKANKQYLILDLHNYATYSGKRIGTSDVPAGALADLWRRLAPEFKDDKAVIFGLMNEPNGISA
PDWANAAQGTITAIRKTGAKNLILVPGTAYTGAHSWRSTSYGVSNAKALEILKDPGNNLAFEAHQYLDKDYSGTKPVCTS
DSVGQEKLQGFTSWLRENKQKGFLGEFATANNPVCDKALEGMLTYMEKNSDVWLGWTWWAAGAWWKPDYPFTVQPGKDGS
DKPQMAILSKYARRAGK
;
_entity_poly.pdbx_strand_id   A
#
# COMPACT_ATOMS: atom_id res chain seq x y z
N MET A 21 -7.33 -12.89 14.41
CA MET A 21 -7.95 -13.37 13.13
C MET A 21 -7.82 -12.40 11.94
N LEU A 22 -6.89 -11.45 12.03
CA LEU A 22 -6.45 -10.66 10.87
C LEU A 22 -5.39 -11.45 10.10
N LYS A 23 -5.43 -11.35 8.77
CA LYS A 23 -4.51 -12.14 7.94
C LYS A 23 -3.13 -11.48 7.73
N TYR A 24 -3.12 -10.20 7.34
CA TYR A 24 -1.87 -9.52 6.98
C TYR A 24 -1.51 -8.39 7.93
N VAL A 25 -0.35 -8.51 8.57
CA VAL A 25 0.19 -7.46 9.44
C VAL A 25 1.65 -7.17 9.12
N GLY A 26 1.99 -5.89 8.98
CA GLY A 26 3.37 -5.51 8.65
C GLY A 26 3.72 -4.05 8.46
N VAL A 27 4.70 -3.82 7.58
CA VAL A 27 5.24 -2.48 7.31
C VAL A 27 5.52 -2.24 5.84
N ASN A 28 5.53 -0.95 5.49
CA ASN A 28 6.10 -0.46 4.25
C ASN A 28 7.60 -0.35 4.40
N LEU A 29 8.33 -1.11 3.58
CA LEU A 29 9.78 -0.93 3.49
C LEU A 29 10.08 0.05 2.36
N SER A 30 10.22 1.32 2.77
CA SER A 30 10.38 2.44 1.86
C SER A 30 11.84 2.67 1.45
N GLY A 31 12.03 3.10 0.21
CA GLY A 31 13.36 3.35 -0.34
C GLY A 31 13.41 3.42 -1.85
N ALA A 32 12.78 2.45 -2.52
CA ALA A 32 12.85 2.31 -3.97
C ALA A 32 12.08 3.39 -4.75
N GLU A 33 11.21 4.10 -4.05
CA GLU A 33 10.33 5.13 -4.62
C GLU A 33 10.84 6.57 -4.38
N PHE A 34 11.98 6.67 -3.69
CA PHE A 34 12.63 7.95 -3.33
C PHE A 34 13.13 8.71 -4.54
N ASN A 35 13.16 10.04 -4.41
CA ASN A 35 13.61 10.95 -5.48
C ASN A 35 12.96 10.61 -6.83
N SER A 36 11.64 10.75 -6.88
CA SER A 36 10.84 10.40 -8.06
C SER A 36 11.20 11.24 -9.29
N ARG A 37 11.84 12.38 -9.06
CA ARG A 37 12.34 13.29 -10.09
C ARG A 37 13.40 12.65 -11.01
N LYS A 38 14.24 11.77 -10.45
CA LYS A 38 15.38 11.21 -11.18
C LYS A 38 15.06 9.90 -11.91
N LYS A 39 14.90 10.00 -13.23
CA LYS A 39 14.59 8.87 -14.11
C LYS A 39 15.78 8.62 -15.05
N PRO A 40 16.39 7.43 -15.04
CA PRO A 40 15.96 6.30 -14.20
C PRO A 40 16.47 6.35 -12.74
N GLY A 41 17.43 7.23 -12.47
CA GLY A 41 18.07 7.31 -11.15
C GLY A 41 19.15 6.26 -10.98
N THR A 42 19.97 6.44 -9.96
CA THR A 42 21.09 5.52 -9.70
C THR A 42 20.84 4.75 -8.41
N LEU A 43 20.99 3.43 -8.49
CA LEU A 43 20.87 2.54 -7.35
C LEU A 43 21.93 2.87 -6.30
N PHE A 44 21.49 2.97 -5.05
CA PHE A 44 22.30 3.37 -3.87
C PHE A 44 22.57 4.88 -3.73
N LYS A 45 22.34 5.63 -4.81
CA LYS A 45 22.48 7.08 -4.78
C LYS A 45 21.13 7.78 -4.59
N ASP A 46 20.19 7.49 -5.50
CA ASP A 46 18.88 8.16 -5.56
C ASP A 46 17.76 7.35 -4.91
N TYR A 47 17.93 6.02 -4.88
CA TYR A 47 16.97 5.10 -4.30
C TYR A 47 17.66 3.83 -3.81
N THR A 48 17.00 3.09 -2.92
CA THR A 48 17.52 1.83 -2.40
C THR A 48 16.45 0.75 -2.26
N TYR A 49 16.87 -0.52 -2.33
CA TYR A 49 16.02 -1.65 -1.96
C TYR A 49 16.39 -2.12 -0.56
N PRO A 50 15.45 -2.78 0.15
CA PRO A 50 15.77 -3.17 1.53
C PRO A 50 16.76 -4.33 1.61
N ALA A 51 17.50 -4.39 2.72
CA ALA A 51 18.40 -5.49 3.02
C ALA A 51 17.59 -6.69 3.54
N ALA A 52 18.08 -7.90 3.28
CA ALA A 52 17.46 -9.14 3.77
C ALA A 52 17.25 -9.16 5.29
N SER A 53 18.14 -8.50 6.03
CA SER A 53 18.07 -8.43 7.49
C SER A 53 16.91 -7.58 8.01
N ASP A 54 16.46 -6.60 7.21
CA ASP A 54 15.26 -5.83 7.52
C ASP A 54 14.01 -6.71 7.50
N PHE A 55 13.84 -7.49 6.44
CA PHE A 55 12.78 -8.50 6.32
C PHE A 55 12.76 -9.42 7.55
N SER A 56 13.95 -9.86 7.96
CA SER A 56 14.14 -10.75 9.10
C SER A 56 13.74 -10.10 10.43
N TYR A 57 14.16 -8.85 10.65
CA TYR A 57 13.84 -8.10 11.86
C TYR A 57 12.33 -7.96 12.07
N PHE A 58 11.61 -7.59 11.02
CA PHE A 58 10.16 -7.39 11.13
C PHE A 58 9.40 -8.70 11.29
N ALA A 59 9.84 -9.75 10.60
CA ALA A 59 9.32 -11.12 10.80
C ALA A 59 9.48 -11.58 12.26
N GLY A 60 10.59 -11.21 12.89
CA GLY A 60 10.83 -11.47 14.30
C GLY A 60 9.92 -10.68 15.23
N LYS A 61 9.46 -9.53 14.78
CA LYS A 61 8.49 -8.72 15.53
C LYS A 61 7.04 -9.15 15.30
N GLY A 62 6.87 -10.30 14.64
CA GLY A 62 5.56 -10.91 14.40
C GLY A 62 4.82 -10.40 13.17
N MET A 63 5.54 -9.74 12.27
CA MET A 63 4.93 -9.16 11.07
C MET A 63 5.14 -10.03 9.86
N ASN A 64 4.03 -10.41 9.23
CA ASN A 64 4.03 -11.35 8.12
C ASN A 64 3.89 -10.70 6.75
N THR A 65 3.84 -9.37 6.70
CA THR A 65 3.55 -8.64 5.46
C THR A 65 4.45 -7.43 5.23
N ILE A 66 5.05 -7.37 4.05
CA ILE A 66 5.86 -6.23 3.65
C ILE A 66 5.23 -5.59 2.42
N ARG A 67 4.89 -4.31 2.52
CA ARG A 67 4.50 -3.53 1.36
C ARG A 67 5.77 -2.93 0.80
N LEU A 68 5.98 -3.14 -0.51
CA LEU A 68 7.19 -2.67 -1.19
C LEU A 68 6.89 -1.61 -2.26
N PRO A 69 7.08 -0.32 -1.91
CA PRO A 69 6.99 0.77 -2.89
C PRO A 69 8.12 0.71 -3.92
N PHE A 70 7.76 0.87 -5.18
CA PHE A 70 8.72 1.07 -6.29
C PHE A 70 8.08 1.94 -7.37
N LEU A 71 8.92 2.51 -8.23
CA LEU A 71 8.45 3.43 -9.27
C LEU A 71 8.19 2.75 -10.62
N TRP A 72 7.06 3.11 -11.22
CA TRP A 72 6.65 2.70 -12.57
C TRP A 72 7.72 3.08 -13.60
N GLU A 73 8.29 4.27 -13.41
CA GLU A 73 9.33 4.81 -14.30
C GLU A 73 10.59 3.97 -14.27
N ARG A 74 10.89 3.38 -13.11
CA ARG A 74 12.07 2.53 -12.92
C ARG A 74 11.90 1.10 -13.42
N VAL A 75 10.68 0.56 -13.33
CA VAL A 75 10.37 -0.83 -13.72
C VAL A 75 10.01 -0.96 -15.21
N GLN A 76 9.39 0.07 -15.77
CA GLN A 76 9.04 0.15 -17.18
C GLN A 76 9.45 1.53 -17.73
N PRO A 77 10.72 1.66 -18.21
CA PRO A 77 11.27 2.98 -18.61
C PRO A 77 10.53 3.69 -19.76
N GLU A 78 9.88 2.92 -20.63
CA GLU A 78 9.05 3.47 -21.70
C GLU A 78 7.62 3.01 -21.48
N LEU A 79 6.66 3.92 -21.61
CA LEU A 79 5.24 3.53 -21.61
C LEU A 79 4.97 2.48 -22.67
N ASN A 80 4.24 1.43 -22.27
CA ASN A 80 3.95 0.25 -23.10
C ASN A 80 5.18 -0.58 -23.53
N GLY A 81 6.36 -0.12 -23.14
CA GLY A 81 7.62 -0.79 -23.47
C GLY A 81 7.91 -1.97 -22.58
N PRO A 82 8.95 -2.77 -22.92
CA PRO A 82 9.36 -3.90 -22.07
C PRO A 82 9.87 -3.47 -20.68
N LEU A 83 9.87 -4.41 -19.75
CA LEU A 83 10.29 -4.15 -18.37
C LEU A 83 11.80 -4.05 -18.25
N ASP A 84 12.27 -3.26 -17.29
CA ASP A 84 13.69 -3.17 -17.00
C ASP A 84 14.11 -4.41 -16.19
N GLN A 85 14.96 -5.23 -16.79
CA GLN A 85 15.39 -6.50 -16.18
C GLN A 85 16.13 -6.36 -14.84
N ALA A 86 16.89 -5.26 -14.69
CA ALA A 86 17.62 -4.96 -13.46
C ALA A 86 16.69 -4.62 -12.28
N GLN A 87 15.71 -3.75 -12.53
CA GLN A 87 14.74 -3.34 -11.50
C GLN A 87 13.84 -4.51 -11.10
N LEU A 88 13.47 -5.33 -12.08
CA LEU A 88 12.73 -6.57 -11.86
C LEU A 88 13.53 -7.56 -11.00
N GLY A 89 14.82 -7.67 -11.29
CA GLY A 89 15.77 -8.47 -10.50
C GLY A 89 15.86 -8.06 -9.03
N LEU A 90 15.85 -6.74 -8.78
CA LEU A 90 15.88 -6.18 -7.42
C LEU A 90 14.58 -6.45 -6.65
N ILE A 91 13.45 -6.38 -7.36
CA ILE A 91 12.14 -6.74 -6.81
C ILE A 91 12.11 -8.23 -6.43
N LYS A 92 12.63 -9.08 -7.33
CA LYS A 92 12.70 -10.53 -7.10
C LYS A 92 13.63 -10.92 -5.94
N LYS A 93 14.68 -10.13 -5.74
CA LYS A 93 15.63 -10.29 -4.64
C LYS A 93 14.95 -10.00 -3.30
N SER A 94 14.11 -8.96 -3.27
CA SER A 94 13.28 -8.64 -2.11
C SER A 94 12.28 -9.75 -1.78
N LEU A 95 11.72 -10.37 -2.82
CA LEU A 95 10.77 -11.45 -2.68
C LEU A 95 11.37 -12.68 -1.99
N GLU A 96 12.60 -13.04 -2.38
CA GLU A 96 13.29 -14.17 -1.78
C GLU A 96 13.60 -13.96 -0.31
N ALA A 97 13.86 -12.71 0.06
CA ALA A 97 13.99 -12.33 1.46
C ALA A 97 12.66 -12.47 2.22
N ALA A 98 11.55 -12.11 1.58
CA ALA A 98 10.22 -12.25 2.16
C ALA A 98 9.81 -13.71 2.32
N LYS A 99 10.03 -14.51 1.26
CA LYS A 99 9.71 -15.95 1.24
C LYS A 99 10.47 -16.73 2.32
N ALA A 100 11.75 -16.39 2.51
CA ALA A 100 12.60 -17.00 3.52
C ALA A 100 12.10 -16.72 4.93
N ASN A 101 11.55 -15.52 5.12
CA ASN A 101 11.00 -15.09 6.41
C ASN A 101 9.51 -15.35 6.55
N LYS A 102 8.98 -16.19 5.64
CA LYS A 102 7.56 -16.60 5.55
C LYS A 102 6.58 -15.41 5.46
N GLN A 103 7.02 -14.37 4.76
CA GLN A 103 6.27 -13.13 4.64
C GLN A 103 5.56 -13.00 3.30
N TYR A 104 4.49 -12.21 3.31
CA TYR A 104 3.79 -11.77 2.12
C TYR A 104 4.42 -10.46 1.62
N LEU A 105 4.52 -10.34 0.30
CA LEU A 105 5.02 -9.13 -0.33
C LEU A 105 3.96 -8.49 -1.22
N ILE A 106 3.67 -7.22 -0.94
CA ILE A 106 2.78 -6.39 -1.75
C ILE A 106 3.64 -5.56 -2.69
N LEU A 107 3.43 -5.74 -3.99
CA LEU A 107 4.11 -4.93 -4.99
C LEU A 107 3.33 -3.65 -5.15
N ASP A 108 3.87 -2.56 -4.61
CA ASP A 108 3.19 -1.28 -4.60
C ASP A 108 3.75 -0.33 -5.67
N LEU A 109 2.97 -0.10 -6.72
CA LEU A 109 3.31 0.84 -7.77
C LEU A 109 3.05 2.26 -7.26
N HIS A 110 4.09 2.85 -6.67
CA HIS A 110 3.98 4.08 -5.88
C HIS A 110 4.04 5.31 -6.77
N ASN A 111 2.95 5.56 -7.49
CA ASN A 111 2.96 6.51 -8.60
C ASN A 111 1.84 7.56 -8.70
N TYR A 112 0.91 7.56 -7.74
CA TYR A 112 -0.10 8.63 -7.59
C TYR A 112 -0.93 8.89 -8.86
N ALA A 113 -1.20 7.80 -9.59
CA ALA A 113 -1.86 7.82 -10.91
C ALA A 113 -1.15 8.70 -11.96
N THR A 114 0.18 8.80 -11.84
CA THR A 114 1.02 9.55 -12.80
C THR A 114 2.20 8.73 -13.30
N TYR A 115 2.60 9.01 -14.54
CA TYR A 115 3.83 8.50 -15.13
C TYR A 115 4.57 9.70 -15.73
N SER A 116 5.77 9.96 -15.21
CA SER A 116 6.59 11.12 -15.58
C SER A 116 5.78 12.42 -15.52
N GLY A 117 5.09 12.64 -14.39
CA GLY A 117 4.34 13.86 -14.12
C GLY A 117 2.97 14.01 -14.77
N LYS A 118 2.63 13.10 -15.69
CA LYS A 118 1.36 13.19 -16.43
C LYS A 118 0.34 12.16 -15.94
N ARG A 119 -0.89 12.63 -15.73
CA ARG A 119 -1.99 11.83 -15.16
C ARG A 119 -2.44 10.68 -16.08
N ILE A 120 -2.80 9.55 -15.47
CA ILE A 120 -3.52 8.47 -16.16
C ILE A 120 -4.87 9.01 -16.61
N GLY A 121 -5.24 8.74 -17.86
CA GLY A 121 -6.51 9.20 -18.41
C GLY A 121 -6.35 10.30 -19.45
N THR A 122 -5.20 11.01 -19.39
CA THR A 122 -4.81 12.00 -20.41
C THR A 122 -4.33 11.28 -21.69
N SER A 123 -4.19 12.01 -22.80
CA SER A 123 -3.68 11.40 -24.03
C SER A 123 -2.17 11.09 -24.00
N ASP A 124 -1.46 11.65 -23.02
CA ASP A 124 -0.07 11.28 -22.74
C ASP A 124 0.06 9.90 -22.06
N VAL A 125 -0.86 9.63 -21.12
CA VAL A 125 -0.89 8.37 -20.36
C VAL A 125 -2.31 7.79 -20.41
N PRO A 126 -2.61 6.96 -21.44
CA PRO A 126 -3.95 6.33 -21.51
C PRO A 126 -4.16 5.29 -20.41
N ALA A 127 -5.42 4.94 -20.15
CA ALA A 127 -5.79 3.94 -19.15
C ALA A 127 -5.16 2.56 -19.44
N GLY A 128 -5.05 2.22 -20.73
CA GLY A 128 -4.46 0.96 -21.19
C GLY A 128 -2.97 0.79 -20.93
N ALA A 129 -2.29 1.90 -20.66
CA ALA A 129 -0.86 1.90 -20.31
C ALA A 129 -0.58 1.32 -18.91
N LEU A 130 -1.48 1.59 -17.96
CA LEU A 130 -1.44 0.95 -16.65
C LEU A 130 -1.76 -0.53 -16.77
N ALA A 131 -2.74 -0.85 -17.63
CA ALA A 131 -3.11 -2.24 -17.93
C ALA A 131 -1.94 -3.00 -18.55
N ASP A 132 -1.19 -2.35 -19.43
CA ASP A 132 0.02 -2.92 -20.02
C ASP A 132 1.11 -3.20 -18.97
N LEU A 133 1.34 -2.25 -18.06
CA LEU A 133 2.31 -2.43 -16.98
C LEU A 133 2.05 -3.72 -16.19
N TRP A 134 0.80 -3.90 -15.76
CA TRP A 134 0.42 -5.05 -14.96
C TRP A 134 0.30 -6.34 -15.76
N ARG A 135 -0.07 -6.22 -17.03
CA ARG A 135 -0.04 -7.33 -18.00
C ARG A 135 1.36 -7.93 -18.12
N ARG A 136 2.37 -7.08 -18.00
CA ARG A 136 3.78 -7.50 -18.06
C ARG A 136 4.28 -7.97 -16.69
N LEU A 137 3.89 -7.27 -15.64
CA LEU A 137 4.34 -7.58 -14.27
C LEU A 137 3.75 -8.86 -13.69
N ALA A 138 2.44 -9.05 -13.82
CA ALA A 138 1.73 -10.16 -13.18
C ALA A 138 2.31 -11.57 -13.45
N PRO A 139 2.47 -11.98 -14.74
CA PRO A 139 2.94 -13.36 -15.01
C PRO A 139 4.35 -13.70 -14.48
N GLU A 140 5.09 -12.67 -14.07
CA GLU A 140 6.38 -12.84 -13.40
C GLU A 140 6.25 -13.36 -11.97
N PHE A 141 5.02 -13.33 -11.44
CA PHE A 141 4.74 -13.67 -10.03
C PHE A 141 3.51 -14.56 -9.85
N LYS A 142 3.00 -15.12 -10.96
CA LYS A 142 1.69 -15.79 -10.99
C LYS A 142 1.57 -17.06 -10.14
N ASP A 143 2.69 -17.73 -9.90
CA ASP A 143 2.73 -18.92 -9.03
C ASP A 143 2.85 -18.55 -7.55
N ASP A 144 3.76 -17.62 -7.25
CA ASP A 144 4.10 -17.19 -5.88
C ASP A 144 2.89 -16.79 -5.05
N LYS A 145 2.66 -17.55 -3.98
CA LYS A 145 1.54 -17.32 -3.07
C LYS A 145 1.80 -16.14 -2.13
N ALA A 146 3.06 -15.71 -2.07
CA ALA A 146 3.49 -14.59 -1.23
C ALA A 146 3.28 -13.22 -1.87
N VAL A 147 3.00 -13.19 -3.19
CA VAL A 147 2.88 -11.91 -3.93
C VAL A 147 1.43 -11.42 -4.04
N ILE A 148 1.21 -10.22 -3.50
CA ILE A 148 -0.04 -9.47 -3.62
C ILE A 148 0.20 -8.26 -4.54
N PHE A 149 -0.73 -7.98 -5.45
CA PHE A 149 -0.61 -6.87 -6.42
C PHE A 149 -1.30 -5.57 -5.94
N GLY A 150 -0.49 -4.55 -5.66
CA GLY A 150 -0.98 -3.21 -5.30
C GLY A 150 -0.95 -2.32 -6.53
N LEU A 151 -2.11 -2.13 -7.14
CA LEU A 151 -2.25 -1.55 -8.49
C LEU A 151 -1.66 -0.17 -8.66
N MET A 152 -1.93 0.70 -7.69
CA MET A 152 -1.52 2.09 -7.71
C MET A 152 -1.59 2.67 -6.30
N ASN A 153 -0.55 3.39 -5.90
CA ASN A 153 -0.56 4.14 -4.67
C ASN A 153 -1.31 5.46 -4.83
N GLU A 154 -2.27 5.69 -3.96
CA GLU A 154 -2.98 6.98 -3.80
C GLU A 154 -3.32 7.71 -5.12
N PRO A 155 -4.22 7.15 -5.95
CA PRO A 155 -4.73 7.92 -7.09
C PRO A 155 -5.41 9.21 -6.62
N ASN A 156 -5.21 10.29 -7.38
CA ASN A 156 -5.82 11.60 -7.12
C ASN A 156 -5.93 12.43 -8.40
N GLY A 157 -6.77 13.46 -8.39
CA GLY A 157 -6.96 14.37 -9.54
C GLY A 157 -7.53 13.71 -10.80
N ILE A 158 -8.01 12.49 -10.63
CA ILE A 158 -8.80 11.76 -11.63
C ILE A 158 -10.11 11.42 -10.92
N SER A 159 -11.24 11.59 -11.61
CA SER A 159 -12.56 11.29 -11.05
C SER A 159 -12.69 9.82 -10.66
N ALA A 160 -13.52 9.55 -9.66
CA ALA A 160 -13.75 8.19 -9.20
C ALA A 160 -14.27 7.25 -10.31
N PRO A 161 -15.24 7.70 -11.15
CA PRO A 161 -15.66 6.81 -12.25
C PRO A 161 -14.52 6.48 -13.21
N ASP A 162 -13.72 7.48 -13.59
CA ASP A 162 -12.61 7.28 -14.54
C ASP A 162 -11.53 6.38 -13.96
N TRP A 163 -11.21 6.60 -12.68
CA TRP A 163 -10.25 5.72 -12.02
C TRP A 163 -10.74 4.26 -11.91
N ALA A 164 -12.00 4.10 -11.50
CA ALA A 164 -12.65 2.78 -11.39
C ALA A 164 -12.56 2.01 -12.70
N ASN A 165 -12.79 2.73 -13.80
CA ASN A 165 -12.69 2.20 -15.14
C ASN A 165 -11.28 1.70 -15.48
N ALA A 166 -10.27 2.48 -15.09
CA ALA A 166 -8.87 2.12 -15.30
C ALA A 166 -8.46 0.94 -14.42
N ALA A 167 -8.97 0.92 -13.18
CA ALA A 167 -8.79 -0.23 -12.29
C ALA A 167 -9.38 -1.49 -12.92
N GLN A 168 -10.59 -1.38 -13.47
CA GLN A 168 -11.29 -2.51 -14.10
C GLN A 168 -10.47 -3.11 -15.25
N GLY A 169 -10.02 -2.26 -16.17
CA GLY A 169 -9.16 -2.66 -17.30
C GLY A 169 -7.89 -3.36 -16.87
N THR A 170 -7.27 -2.86 -15.79
CA THR A 170 -6.09 -3.46 -15.19
C THR A 170 -6.39 -4.85 -14.62
N ILE A 171 -7.51 -4.96 -13.89
CA ILE A 171 -7.95 -6.23 -13.28
C ILE A 171 -8.15 -7.30 -14.37
N THR A 172 -8.93 -6.96 -15.40
CA THR A 172 -9.17 -7.82 -16.57
C THR A 172 -7.85 -8.27 -17.21
N ALA A 173 -6.91 -7.33 -17.36
CA ALA A 173 -5.60 -7.60 -17.93
C ALA A 173 -4.80 -8.62 -17.11
N ILE A 174 -4.74 -8.42 -15.79
CA ILE A 174 -4.04 -9.34 -14.88
C ILE A 174 -4.60 -10.77 -14.96
N ARG A 175 -5.93 -10.88 -14.90
CA ARG A 175 -6.62 -12.19 -14.91
C ARG A 175 -6.52 -12.92 -16.24
N LYS A 176 -6.37 -12.17 -17.32
CA LYS A 176 -6.19 -12.72 -18.65
C LYS A 176 -4.86 -13.50 -18.76
N THR A 177 -3.84 -13.04 -18.02
CA THR A 177 -2.50 -13.68 -18.01
C THR A 177 -2.43 -14.97 -17.19
N GLY A 178 -3.49 -15.25 -16.42
CA GLY A 178 -3.56 -16.47 -15.60
C GLY A 178 -3.22 -16.29 -14.12
N ALA A 179 -2.84 -15.08 -13.74
CA ALA A 179 -2.50 -14.74 -12.37
C ALA A 179 -3.74 -14.78 -11.48
N LYS A 180 -3.61 -15.44 -10.34
CA LYS A 180 -4.71 -15.62 -9.37
C LYS A 180 -4.46 -14.87 -8.06
N ASN A 181 -3.36 -14.13 -8.01
CA ASN A 181 -2.94 -13.38 -6.82
C ASN A 181 -3.98 -12.35 -6.35
N LEU A 182 -3.98 -12.06 -5.06
CA LEU A 182 -4.82 -11.01 -4.48
C LEU A 182 -4.48 -9.65 -5.12
N ILE A 183 -5.50 -8.94 -5.59
CA ILE A 183 -5.33 -7.59 -6.11
C ILE A 183 -5.87 -6.58 -5.09
N LEU A 184 -5.04 -5.57 -4.77
CA LEU A 184 -5.45 -4.47 -3.90
C LEU A 184 -5.83 -3.28 -4.77
N VAL A 185 -7.11 -2.92 -4.72
CA VAL A 185 -7.65 -1.83 -5.54
C VAL A 185 -7.82 -0.59 -4.68
N PRO A 186 -7.20 0.53 -5.09
CA PRO A 186 -7.43 1.80 -4.39
C PRO A 186 -8.59 2.61 -5.01
N GLY A 187 -9.04 3.64 -4.30
CA GLY A 187 -9.94 4.65 -4.88
C GLY A 187 -9.15 5.88 -5.28
N THR A 188 -9.84 6.87 -5.81
CA THR A 188 -9.22 8.20 -6.03
C THR A 188 -9.20 8.99 -4.72
N ALA A 189 -8.91 10.30 -4.80
CA ALA A 189 -8.79 11.20 -3.63
C ALA A 189 -7.82 10.66 -2.57
N TYR A 190 -6.65 10.22 -3.05
CA TYR A 190 -5.55 9.68 -2.23
C TYR A 190 -5.97 8.43 -1.44
N THR A 191 -6.99 7.74 -1.98
CA THR A 191 -7.62 6.54 -1.40
C THR A 191 -7.85 6.56 0.12
N GLY A 192 -8.15 7.75 0.65
CA GLY A 192 -8.38 7.94 2.08
C GLY A 192 -9.64 7.24 2.53
N ALA A 193 -9.55 6.53 3.65
CA ALA A 193 -10.70 5.85 4.26
C ALA A 193 -11.76 6.84 4.75
N HIS A 194 -11.31 7.99 5.24
CA HIS A 194 -12.19 9.08 5.71
C HIS A 194 -13.18 9.62 4.68
N SER A 195 -12.76 9.65 3.42
CA SER A 195 -13.51 10.32 2.34
C SER A 195 -14.19 9.37 1.36
N TRP A 196 -14.19 8.07 1.70
CA TRP A 196 -14.73 7.01 0.85
C TRP A 196 -16.17 7.23 0.39
N ARG A 197 -17.00 7.76 1.28
CA ARG A 197 -18.42 8.02 0.99
C ARG A 197 -18.68 9.45 0.52
N SER A 198 -17.70 10.34 0.73
CA SER A 198 -17.83 11.76 0.39
C SER A 198 -18.07 12.01 -1.11
N THR A 199 -18.84 13.05 -1.41
CA THR A 199 -19.08 13.47 -2.78
C THR A 199 -18.35 14.78 -3.13
N SER A 200 -17.50 15.24 -2.21
CA SER A 200 -16.75 16.49 -2.37
C SER A 200 -15.85 16.51 -3.62
N TYR A 201 -15.34 15.33 -3.99
CA TYR A 201 -14.49 15.14 -5.18
C TYR A 201 -15.25 14.57 -6.40
N GLY A 202 -16.58 14.55 -6.29
CA GLY A 202 -17.48 14.11 -7.37
C GLY A 202 -18.31 12.92 -6.97
N VAL A 203 -18.50 11.99 -7.90
CA VAL A 203 -19.04 10.67 -7.58
C VAL A 203 -18.06 10.04 -6.57
N SER A 204 -18.59 9.48 -5.49
CA SER A 204 -17.77 8.86 -4.43
C SER A 204 -17.04 7.59 -4.90
N ASN A 205 -16.00 7.22 -4.16
CA ASN A 205 -15.33 5.94 -4.35
C ASN A 205 -16.29 4.79 -4.06
N ALA A 206 -17.10 4.97 -3.01
CA ALA A 206 -18.16 4.03 -2.64
C ALA A 206 -19.08 3.69 -3.80
N LYS A 207 -19.60 4.71 -4.47
CA LYS A 207 -20.52 4.50 -5.60
C LYS A 207 -19.79 4.00 -6.85
N ALA A 208 -18.62 4.57 -7.14
CA ALA A 208 -17.86 4.23 -8.34
C ALA A 208 -17.33 2.80 -8.36
N LEU A 209 -16.96 2.28 -7.19
CA LEU A 209 -16.29 0.98 -7.12
C LEU A 209 -17.23 -0.22 -6.94
N GLU A 210 -18.52 0.05 -6.74
CA GLU A 210 -19.61 -0.95 -6.77
C GLU A 210 -19.63 -1.82 -8.05
N ILE A 211 -19.30 -1.20 -9.18
CA ILE A 211 -19.35 -1.83 -10.51
C ILE A 211 -18.27 -2.89 -10.76
N LEU A 212 -17.20 -2.86 -9.97
CA LEU A 212 -16.03 -3.71 -10.20
C LEU A 212 -16.34 -5.20 -10.16
N LYS A 213 -15.83 -5.91 -11.16
CA LYS A 213 -15.96 -7.35 -11.25
C LYS A 213 -14.58 -7.98 -11.44
N ASP A 214 -14.32 -9.03 -10.67
CA ASP A 214 -13.06 -9.76 -10.78
C ASP A 214 -13.37 -11.23 -11.12
N PRO A 215 -13.02 -11.67 -12.35
CA PRO A 215 -13.25 -13.06 -12.77
C PRO A 215 -12.47 -14.08 -11.92
N GLY A 216 -11.33 -13.64 -11.36
CA GLY A 216 -10.54 -14.45 -10.43
C GLY A 216 -11.05 -14.46 -8.99
N ASN A 217 -11.98 -13.55 -8.67
CA ASN A 217 -12.63 -13.46 -7.35
C ASN A 217 -11.69 -13.34 -6.16
N ASN A 218 -10.68 -12.49 -6.32
CA ASN A 218 -9.62 -12.33 -5.33
C ASN A 218 -9.21 -10.86 -5.22
N LEU A 219 -10.15 -10.06 -4.73
CA LEU A 219 -10.03 -8.60 -4.73
C LEU A 219 -10.22 -8.05 -3.33
N ALA A 220 -9.47 -7.00 -3.03
CA ALA A 220 -9.68 -6.22 -1.82
C ALA A 220 -9.42 -4.75 -2.11
N PHE A 221 -10.03 -3.89 -1.28
CA PHE A 221 -9.93 -2.46 -1.48
C PHE A 221 -8.94 -1.85 -0.51
N GLU A 222 -7.92 -1.20 -1.09
CA GLU A 222 -6.86 -0.57 -0.32
C GLU A 222 -7.28 0.84 0.09
N ALA A 223 -7.26 1.09 1.40
CA ALA A 223 -7.49 2.43 1.95
C ALA A 223 -6.32 2.87 2.80
N HIS A 224 -6.09 4.17 2.88
CA HIS A 224 -5.03 4.76 3.69
C HIS A 224 -5.66 5.72 4.69
N GLN A 225 -5.07 5.80 5.89
CA GLN A 225 -5.61 6.70 6.93
C GLN A 225 -4.55 7.33 7.85
N TYR A 226 -4.47 8.65 7.83
CA TYR A 226 -3.64 9.40 8.77
C TYR A 226 -4.53 10.25 9.67
N LEU A 227 -3.99 10.73 10.78
CA LEU A 227 -4.82 11.21 11.90
C LEU A 227 -4.67 12.70 12.27
N ASP A 228 -3.94 13.44 11.45
CA ASP A 228 -3.83 14.90 11.59
C ASP A 228 -4.97 15.60 10.87
N LYS A 229 -5.18 16.88 11.19
CA LYS A 229 -6.30 17.70 10.67
C LYS A 229 -6.73 17.40 9.23
N ASP A 230 -5.75 17.30 8.33
CA ASP A 230 -6.02 17.12 6.90
C ASP A 230 -5.77 15.70 6.35
N TYR A 231 -5.50 14.76 7.25
CA TYR A 231 -5.38 13.31 6.96
C TYR A 231 -4.27 12.95 5.94
N SER A 232 -3.15 13.68 6.02
CA SER A 232 -2.05 13.50 5.07
C SER A 232 -0.81 12.91 5.74
N GLY A 233 -0.65 13.19 7.03
CA GLY A 233 0.54 12.81 7.78
C GLY A 233 1.68 13.81 7.71
N THR A 234 1.38 15.05 7.33
CA THR A 234 2.41 16.12 7.30
C THR A 234 2.70 16.69 8.69
N LYS A 235 1.80 16.45 9.64
CA LYS A 235 2.00 16.85 11.04
C LYS A 235 2.06 15.62 11.97
N PRO A 236 3.00 15.62 12.95
CA PRO A 236 3.10 14.52 13.92
C PRO A 236 2.06 14.61 15.06
N VAL A 237 0.81 14.82 14.68
CA VAL A 237 -0.28 15.09 15.64
C VAL A 237 -1.50 14.24 15.28
N CYS A 238 -2.11 13.63 16.30
CA CYS A 238 -3.39 12.95 16.19
C CYS A 238 -4.43 13.84 16.86
N THR A 239 -5.51 14.14 16.13
CA THR A 239 -6.51 15.14 16.59
C THR A 239 -7.34 14.75 17.82
N SER A 240 -7.48 13.45 18.06
CA SER A 240 -8.06 12.89 19.29
C SER A 240 -7.55 11.47 19.51
N ASP A 241 -7.83 10.90 20.69
CA ASP A 241 -7.37 9.54 21.00
C ASP A 241 -8.25 8.42 20.37
N SER A 242 -9.17 8.81 19.50
CA SER A 242 -10.15 7.89 18.93
C SER A 242 -10.44 8.17 17.46
N VAL A 243 -9.73 9.14 16.88
CA VAL A 243 -10.00 9.62 15.52
C VAL A 243 -9.84 8.52 14.44
N GLY A 244 -8.96 7.57 14.67
CA GLY A 244 -8.73 6.44 13.75
C GLY A 244 -9.96 5.60 13.50
N GLN A 245 -10.54 5.10 14.59
CA GLN A 245 -11.77 4.31 14.60
C GLN A 245 -12.92 5.00 13.87
N GLU A 246 -13.08 6.30 14.14
CA GLU A 246 -14.15 7.13 13.57
C GLU A 246 -14.06 7.26 12.06
N LYS A 247 -12.84 7.44 11.56
CA LYS A 247 -12.61 7.69 10.14
C LYS A 247 -12.62 6.42 9.28
N LEU A 248 -12.44 5.25 9.90
CA LEU A 248 -12.53 3.98 9.20
C LEU A 248 -13.97 3.47 9.03
N GLN A 249 -14.91 3.97 9.84
CA GLN A 249 -16.27 3.43 9.91
C GLN A 249 -17.07 3.48 8.62
N GLY A 250 -17.01 4.60 7.90
CA GLY A 250 -17.64 4.71 6.58
C GLY A 250 -17.19 3.62 5.62
N PHE A 251 -15.88 3.38 5.57
CA PHE A 251 -15.27 2.35 4.72
C PHE A 251 -15.60 0.92 5.17
N THR A 252 -15.51 0.65 6.47
CA THR A 252 -15.82 -0.66 7.08
C THR A 252 -17.28 -1.01 6.77
N SER A 253 -18.18 -0.08 7.08
CA SER A 253 -19.60 -0.11 6.75
C SER A 253 -19.82 -0.52 5.28
N TRP A 254 -19.10 0.15 4.38
CA TRP A 254 -19.18 -0.10 2.94
C TRP A 254 -18.75 -1.52 2.58
N LEU A 255 -17.63 -1.98 3.15
CA LEU A 255 -17.10 -3.32 2.88
C LEU A 255 -18.06 -4.41 3.31
N ARG A 256 -18.70 -4.22 4.47
CA ARG A 256 -19.67 -5.17 5.01
C ARG A 256 -20.92 -5.27 4.15
N GLU A 257 -21.53 -4.12 3.82
CA GLU A 257 -22.68 -4.02 2.90
C GLU A 257 -22.47 -4.82 1.62
N ASN A 258 -21.29 -4.66 1.03
CA ASN A 258 -21.00 -5.11 -0.33
C ASN A 258 -20.32 -6.48 -0.41
N LYS A 259 -20.22 -7.15 0.74
CA LYS A 259 -19.49 -8.42 0.91
C LYS A 259 -18.06 -8.33 0.34
N GLN A 260 -17.38 -7.24 0.67
CA GLN A 260 -16.02 -6.98 0.18
C GLN A 260 -15.01 -6.97 1.32
N LYS A 261 -13.74 -7.05 0.95
CA LYS A 261 -12.63 -7.09 1.89
C LYS A 261 -11.77 -5.83 1.76
N GLY A 262 -11.15 -5.43 2.88
CA GLY A 262 -10.35 -4.21 2.93
C GLY A 262 -8.94 -4.41 3.44
N PHE A 263 -8.07 -3.45 3.11
CA PHE A 263 -6.68 -3.44 3.53
C PHE A 263 -6.26 -2.01 3.85
N LEU A 264 -5.61 -1.83 5.02
CA LEU A 264 -5.04 -0.55 5.39
C LEU A 264 -3.58 -0.48 4.95
N GLY A 265 -3.37 0.02 3.74
CA GLY A 265 -2.07 0.04 3.07
C GLY A 265 -1.06 0.99 3.70
N GLU A 266 -1.55 2.14 4.17
CA GLU A 266 -0.72 3.12 4.87
C GLU A 266 -1.47 3.71 6.05
N PHE A 267 -0.77 3.87 7.16
CA PHE A 267 -1.25 4.53 8.37
C PHE A 267 -0.07 4.73 9.31
N ALA A 268 -0.18 5.76 10.17
CA ALA A 268 0.89 6.15 11.09
C ALA A 268 0.43 7.08 12.20
N THR A 269 1.14 7.01 13.32
CA THR A 269 0.97 7.90 14.46
C THR A 269 2.35 8.26 14.98
N ALA A 270 2.48 9.43 15.59
CA ALA A 270 3.74 9.88 16.16
C ALA A 270 3.94 9.29 17.57
N ASN A 271 5.14 9.49 18.12
CA ASN A 271 5.41 9.10 19.50
C ASN A 271 5.00 10.19 20.50
N ASN A 272 3.73 10.13 20.90
CA ASN A 272 3.17 10.94 21.99
C ASN A 272 1.97 10.21 22.61
N PRO A 273 1.65 10.47 23.91
CA PRO A 273 0.59 9.73 24.61
C PRO A 273 -0.79 9.66 23.92
N VAL A 274 -1.24 10.79 23.36
CA VAL A 274 -2.55 10.86 22.68
C VAL A 274 -2.53 10.00 21.40
N CYS A 275 -1.44 10.10 20.64
CA CYS A 275 -1.24 9.31 19.42
C CYS A 275 -1.13 7.82 19.69
N ASP A 276 -0.51 7.45 20.80
CA ASP A 276 -0.36 6.06 21.22
C ASP A 276 -1.71 5.39 21.52
N LYS A 277 -2.61 6.14 22.16
CA LYS A 277 -3.97 5.69 22.47
C LYS A 277 -4.80 5.53 21.20
N ALA A 278 -4.65 6.48 20.28
CA ALA A 278 -5.34 6.47 18.98
C ALA A 278 -4.92 5.30 18.11
N LEU A 279 -3.63 4.97 18.16
CA LEU A 279 -3.06 3.80 17.47
C LEU A 279 -3.61 2.49 18.03
N GLU A 280 -3.75 2.42 19.35
CA GLU A 280 -4.31 1.24 20.02
C GLU A 280 -5.78 1.04 19.71
N GLY A 281 -6.54 2.13 19.71
CA GLY A 281 -7.96 2.10 19.35
C GLY A 281 -8.18 1.62 17.92
N MET A 282 -7.30 2.07 17.04
CA MET A 282 -7.31 1.74 15.62
C MET A 282 -6.99 0.26 15.33
N LEU A 283 -5.94 -0.25 15.99
CA LEU A 283 -5.53 -1.64 15.79
C LEU A 283 -6.53 -2.61 16.44
N THR A 284 -7.10 -2.21 17.58
CA THR A 284 -8.20 -2.93 18.25
C THR A 284 -9.45 -2.91 17.37
N TYR A 285 -9.73 -1.77 16.73
CA TYR A 285 -10.85 -1.63 15.79
C TYR A 285 -10.82 -2.64 14.65
N MET A 286 -9.65 -2.80 14.02
CA MET A 286 -9.51 -3.69 12.88
C MET A 286 -9.57 -5.16 13.24
N GLU A 287 -9.16 -5.44 14.48
CA GLU A 287 -9.23 -6.76 15.09
C GLU A 287 -10.70 -7.20 15.26
N LYS A 288 -11.53 -6.32 15.84
CA LYS A 288 -12.96 -6.61 16.04
C LYS A 288 -13.78 -6.48 14.75
N ASN A 289 -13.17 -5.88 13.72
CA ASN A 289 -13.79 -5.77 12.39
C ASN A 289 -13.07 -6.64 11.34
N SER A 290 -12.43 -7.72 11.81
CA SER A 290 -11.63 -8.62 10.95
C SER A 290 -12.44 -9.47 9.95
N ASP A 291 -13.77 -9.39 10.03
CA ASP A 291 -14.66 -10.02 9.06
C ASP A 291 -14.58 -9.34 7.68
N VAL A 292 -14.22 -8.05 7.67
CA VAL A 292 -14.04 -7.30 6.41
C VAL A 292 -12.61 -6.78 6.18
N TRP A 293 -11.86 -6.53 7.24
CA TRP A 293 -10.46 -6.10 7.12
C TRP A 293 -9.54 -7.29 7.02
N LEU A 294 -8.71 -7.32 5.97
CA LEU A 294 -7.70 -8.36 5.78
C LEU A 294 -6.41 -8.05 6.54
N GLY A 295 -6.19 -6.77 6.84
CA GLY A 295 -5.06 -6.35 7.66
C GLY A 295 -4.48 -5.00 7.30
N TRP A 296 -3.26 -4.76 7.78
CA TRP A 296 -2.62 -3.45 7.68
C TRP A 296 -1.11 -3.51 7.48
N THR A 297 -0.56 -2.44 6.87
CA THR A 297 0.89 -2.22 6.77
C THR A 297 1.23 -0.78 7.17
N TRP A 298 2.08 -0.64 8.19
CA TRP A 298 2.47 0.66 8.75
C TRP A 298 3.38 1.45 7.81
N TRP A 299 3.18 2.76 7.79
CA TRP A 299 4.13 3.68 7.14
C TRP A 299 5.03 4.38 8.17
N ALA A 300 6.34 4.12 8.20
CA ALA A 300 7.08 3.17 7.36
C ALA A 300 8.38 2.75 8.05
N ALA A 301 9.13 1.90 7.37
CA ALA A 301 10.51 1.61 7.71
C ALA A 301 11.39 1.72 6.44
N GLY A 302 12.64 1.27 6.54
CA GLY A 302 13.63 1.45 5.49
C GLY A 302 14.80 2.24 6.03
N ALA A 303 15.98 1.99 5.49
CA ALA A 303 17.23 2.53 6.01
C ALA A 303 17.48 4.02 5.73
N TRP A 304 16.59 4.66 4.96
CA TRP A 304 16.81 6.04 4.46
C TRP A 304 15.95 7.14 5.08
N TRP A 305 15.32 6.85 6.23
CA TRP A 305 14.60 7.87 6.97
C TRP A 305 15.55 8.63 7.88
N LYS A 306 15.33 9.94 7.99
CA LYS A 306 16.13 10.81 8.86
C LYS A 306 15.85 10.53 10.35
N PRO A 307 16.74 10.96 11.27
CA PRO A 307 16.50 10.69 12.71
C PRO A 307 15.21 11.31 13.28
N ASP A 308 14.90 12.52 12.85
CA ASP A 308 13.75 13.29 13.34
C ASP A 308 12.41 12.96 12.65
N TYR A 309 12.42 11.98 11.72
CA TYR A 309 11.21 11.55 11.02
C TYR A 309 10.23 10.84 11.97
N PRO A 310 9.01 11.41 12.16
CA PRO A 310 8.15 10.99 13.28
C PRO A 310 7.50 9.60 13.17
N PHE A 311 7.53 8.99 11.98
CA PHE A 311 6.79 7.75 11.73
C PHE A 311 7.64 6.48 11.54
N THR A 312 8.96 6.62 11.57
CA THR A 312 9.87 5.49 11.33
C THR A 312 9.83 4.41 12.42
N VAL A 313 9.78 3.16 11.97
CA VAL A 313 9.92 1.99 12.85
C VAL A 313 11.11 1.12 12.43
N GLN A 314 11.99 1.67 11.58
CA GLN A 314 13.27 1.05 11.25
C GLN A 314 14.09 1.01 12.53
N PRO A 315 14.66 -0.19 12.86
CA PRO A 315 15.49 -0.25 14.08
C PRO A 315 16.77 0.57 13.93
N GLY A 316 17.31 1.05 15.06
CA GLY A 316 18.60 1.75 15.08
C GLY A 316 19.74 0.84 14.65
N LYS A 317 20.91 1.43 14.42
CA LYS A 317 22.13 0.68 14.04
C LYS A 317 22.51 -0.38 15.09
N ASP A 318 22.25 -0.06 16.35
CA ASP A 318 22.40 -0.97 17.50
C ASP A 318 21.33 -2.07 17.60
N GLY A 319 20.24 -1.93 16.83
CA GLY A 319 19.18 -2.95 16.77
C GLY A 319 17.95 -2.74 17.65
N SER A 320 17.95 -1.65 18.44
CA SER A 320 16.85 -1.32 19.35
C SER A 320 15.60 -0.83 18.64
N ASP A 321 14.44 -1.14 19.21
CA ASP A 321 13.14 -0.78 18.66
C ASP A 321 12.85 0.72 18.74
N LYS A 322 12.17 1.23 17.72
CA LYS A 322 11.58 2.57 17.77
C LYS A 322 10.36 2.56 18.71
N PRO A 323 9.94 3.75 19.23
CA PRO A 323 8.88 3.79 20.25
C PRO A 323 7.54 3.13 19.88
N GLN A 324 7.08 3.30 18.64
CA GLN A 324 5.78 2.77 18.19
C GLN A 324 5.79 1.27 17.89
N MET A 325 6.98 0.67 17.78
CA MET A 325 7.13 -0.76 17.52
C MET A 325 6.55 -1.63 18.65
N ALA A 326 6.63 -1.12 19.89
CA ALA A 326 6.10 -1.80 21.08
C ALA A 326 4.61 -2.12 20.94
N ILE A 327 3.82 -1.10 20.56
CA ILE A 327 2.38 -1.25 20.33
C ILE A 327 2.12 -2.11 19.09
N LEU A 328 2.83 -1.81 18.00
CA LEU A 328 2.68 -2.54 16.73
C LEU A 328 2.89 -4.06 16.83
N SER A 329 3.94 -4.45 17.54
CA SER A 329 4.27 -5.86 17.77
C SER A 329 3.19 -6.59 18.56
N LYS A 330 2.64 -5.90 19.57
CA LYS A 330 1.59 -6.47 20.40
C LYS A 330 0.44 -6.95 19.52
N TYR A 331 0.00 -6.09 18.60
CA TYR A 331 -1.13 -6.40 17.72
C TYR A 331 -0.77 -7.31 16.56
N ALA A 332 0.49 -7.24 16.10
CA ALA A 332 1.01 -8.10 15.04
C ALA A 332 0.99 -9.57 15.45
N ARG A 333 1.41 -9.85 16.69
CA ARG A 333 1.47 -11.21 17.22
C ARG A 333 0.09 -11.77 17.55
N ARG A 334 -0.88 -10.87 17.76
CA ARG A 334 -2.28 -11.24 17.95
C ARG A 334 -2.96 -11.79 16.67
N ALA A 335 -2.34 -11.53 15.52
CA ALA A 335 -2.86 -11.97 14.22
C ALA A 335 -2.12 -13.22 13.68
N GLY A 336 -2.18 -13.43 12.37
CA GLY A 336 -1.48 -14.54 11.70
C GLY A 336 -2.43 -15.57 11.14
#